data_3L3Q
#
_entry.id   3L3Q
#
_cell.length_a   78.756
_cell.length_b   90.899
_cell.length_c   100.968
_cell.angle_alpha   90.00
_cell.angle_beta   90.00
_cell.angle_gamma   90.00
#
_symmetry.space_group_name_H-M   'P 21 21 21'
#
loop_
_entity.id
_entity.type
_entity.pdbx_description
1 polymer 'Importin subunit alpha-2'
2 polymer pepTM
3 non-polymer 'CITRATE ANION'
4 water water
#
loop_
_entity_poly.entity_id
_entity_poly.type
_entity_poly.pdbx_seq_one_letter_code
_entity_poly.pdbx_strand_id
1 'polypeptide(L)'
;QGTVNWSVEDIVKGINSNNLESQLQATQAARKLLSREKQPPIDNIIRAGLIPKFVSFLGKTDCSPIQFESAWALTNIASG
TSEQTKAVVDGGAIPAFISLLASPHAHISEQAVWALGNIAGDGSAFRDLVIKHGAIDPLLALLAVPDLSTLACGYLRNLT
WTLSNLCRNKNPAPPLDAVEQILPTLVRLLHHNDPEVLADSCWAISYLTDGPNERIEMVVKKGVVPQLVKLLGATELPIV
TPALRAIGNIVTGTDEQTQKVIDAGALAVFPSLLTNPKTNIQKEATWTMSNITAGRQDQIQQVVNHGLVPFLVGVLSKAD
FKTQKEAAWAITNYTSGGTVEQIVYLVHCGIIEPLMNLLSAKDTKIIQVILDAISNIFQAAEKLGETEKLSIMIEECGGL
DKIEALQRHENESVYKASLNLIEKYFS
;
A
2 'polypeptide(L)' GSEFESPFKKKRREA B,C
#
# COMPACT_ATOMS: atom_id res chain seq x y z
N GLN A 1 17.62 -16.45 -34.69
CA GLN A 1 18.64 -16.86 -35.71
C GLN A 1 19.63 -15.76 -36.06
N GLY A 2 19.13 -14.55 -36.29
CA GLY A 2 19.97 -13.40 -36.62
C GLY A 2 20.32 -12.54 -35.41
N THR A 3 19.30 -11.98 -34.77
CA THR A 3 19.56 -10.99 -33.70
C THR A 3 19.73 -11.58 -32.27
N VAL A 4 19.88 -12.89 -32.15
CA VAL A 4 20.04 -13.55 -30.84
C VAL A 4 21.49 -13.54 -30.28
N ASN A 5 21.67 -12.92 -29.12
CA ASN A 5 22.95 -12.92 -28.38
C ASN A 5 24.14 -12.22 -29.04
N TRP A 6 23.99 -10.94 -29.34
CA TRP A 6 25.10 -10.16 -29.93
C TRP A 6 25.84 -9.63 -28.75
N SER A 7 27.03 -9.11 -28.98
CA SER A 7 27.65 -8.43 -27.89
C SER A 7 27.25 -6.95 -28.00
N VAL A 8 27.55 -6.16 -26.97
CA VAL A 8 27.27 -4.73 -27.01
C VAL A 8 28.05 -4.02 -28.13
N GLU A 9 29.29 -4.43 -28.40
CA GLU A 9 30.13 -3.76 -29.44
C GLU A 9 29.52 -3.95 -30.82
N ASP A 10 28.94 -5.10 -31.06
CA ASP A 10 28.24 -5.34 -32.30
C ASP A 10 26.99 -4.49 -32.40
N ILE A 11 26.19 -4.42 -31.32
CA ILE A 11 25.05 -3.51 -31.23
C ILE A 11 25.50 -2.09 -31.60
N VAL A 12 26.58 -1.58 -31.04
CA VAL A 12 27.06 -0.21 -31.34
C VAL A 12 27.41 0.02 -32.82
N LYS A 13 28.10 -0.99 -33.37
CA LYS A 13 28.48 -1.01 -34.79
C LYS A 13 27.23 -0.90 -35.66
N GLY A 14 26.19 -1.68 -35.32
CA GLY A 14 24.86 -1.60 -36.02
C GLY A 14 24.15 -0.27 -35.84
N ILE A 15 24.02 0.20 -34.61
CA ILE A 15 23.32 1.46 -34.38
C ILE A 15 24.04 2.65 -35.04
N ASN A 16 25.37 2.56 -35.14
CA ASN A 16 26.16 3.66 -35.76
C ASN A 16 26.22 3.63 -37.29
N SER A 17 25.74 2.57 -37.92
CA SER A 17 25.74 2.52 -39.39
C SER A 17 24.76 3.55 -39.90
N ASN A 18 24.94 3.96 -41.14
CA ASN A 18 24.01 4.89 -41.75
C ASN A 18 22.96 4.11 -42.61
N ASN A 19 22.43 3.06 -41.98
CA ASN A 19 21.54 2.11 -42.61
C ASN A 19 20.42 1.80 -41.63
N LEU A 20 19.21 2.23 -41.97
CA LEU A 20 18.05 2.13 -41.05
C LEU A 20 17.66 0.69 -40.68
N GLU A 21 17.76 -0.23 -41.66
CA GLU A 21 17.67 -1.70 -41.36
C GLU A 21 18.73 -2.27 -40.48
N SER A 22 19.99 -1.87 -40.67
CA SER A 22 21.05 -2.25 -39.74
C SER A 22 20.78 -1.67 -38.34
N GLN A 23 20.25 -0.44 -38.27
CA GLN A 23 19.91 0.19 -36.97
C GLN A 23 18.79 -0.61 -36.33
N LEU A 24 17.78 -0.93 -37.15
CA LEU A 24 16.71 -1.83 -36.73
C LEU A 24 17.12 -3.17 -36.18
N GLN A 25 18.02 -3.91 -36.86
CA GLN A 25 18.41 -5.20 -36.35
C GLN A 25 19.29 -5.13 -35.05
N ALA A 26 20.17 -4.14 -34.93
CA ALA A 26 20.97 -3.98 -33.72
C ALA A 26 20.03 -3.53 -32.54
N THR A 27 18.99 -2.74 -32.81
CA THR A 27 18.03 -2.35 -31.73
C THR A 27 17.28 -3.54 -31.18
N GLN A 28 16.75 -4.34 -32.09
CA GLN A 28 16.09 -5.61 -31.74
C GLN A 28 17.00 -6.56 -31.00
N ALA A 29 18.27 -6.65 -31.45
CA ALA A 29 19.35 -7.32 -30.67
C ALA A 29 19.52 -6.75 -29.24
N ALA A 30 19.58 -5.42 -29.08
CA ALA A 30 19.66 -4.77 -27.71
C ALA A 30 18.45 -5.18 -26.87
N ARG A 31 17.29 -5.05 -27.48
CA ARG A 31 16.04 -5.41 -26.79
C ARG A 31 16.07 -6.88 -26.28
N LYS A 32 16.58 -7.81 -27.11
CA LYS A 32 16.63 -9.24 -26.70
C LYS A 32 17.62 -9.48 -25.58
N LEU A 33 18.74 -8.76 -25.55
CA LEU A 33 19.62 -8.82 -24.36
C LEU A 33 18.93 -8.29 -23.10
N LEU A 34 18.09 -7.29 -23.27
CA LEU A 34 17.53 -6.61 -22.13
C LEU A 34 16.28 -7.34 -21.68
N SER A 35 15.70 -8.19 -22.53
CA SER A 35 14.44 -8.87 -22.18
C SER A 35 14.62 -10.36 -21.90
N ARG A 36 15.76 -10.89 -22.32
CA ARG A 36 16.03 -12.33 -22.29
C ARG A 36 17.16 -12.68 -21.32
N GLU A 37 18.10 -11.80 -21.05
CA GLU A 37 19.04 -12.13 -19.99
C GLU A 37 18.45 -11.82 -18.60
N LYS A 38 18.54 -12.77 -17.67
CA LYS A 38 18.42 -12.46 -16.24
C LYS A 38 19.78 -11.88 -15.92
N GLN A 39 19.84 -10.70 -15.33
CA GLN A 39 21.09 -9.92 -15.28
C GLN A 39 21.46 -9.29 -16.63
N PRO A 40 20.54 -8.53 -17.25
CA PRO A 40 20.95 -7.75 -18.46
C PRO A 40 22.01 -6.66 -18.14
N PRO A 41 22.92 -6.41 -19.11
CA PRO A 41 24.00 -5.43 -19.05
C PRO A 41 23.47 -4.03 -19.37
N ILE A 42 22.50 -3.59 -18.57
CA ILE A 42 21.97 -2.23 -18.68
C ILE A 42 23.11 -1.18 -18.62
N ASP A 43 24.09 -1.41 -17.75
CA ASP A 43 25.16 -0.40 -17.53
C ASP A 43 26.10 -0.26 -18.70
N ASN A 44 26.42 -1.39 -19.35
CA ASN A 44 27.24 -1.37 -20.57
C ASN A 44 26.55 -0.63 -21.74
N ILE A 45 25.23 -0.89 -21.90
CA ILE A 45 24.39 -0.19 -22.87
C ILE A 45 24.44 1.29 -22.57
N ILE A 46 24.21 1.66 -21.33
CA ILE A 46 24.23 3.10 -21.00
C ILE A 46 25.64 3.69 -21.29
N ARG A 47 26.70 3.05 -20.77
CA ARG A 47 28.09 3.51 -20.97
C ARG A 47 28.44 3.55 -22.44
N ALA A 48 27.90 2.68 -23.27
CA ALA A 48 28.15 2.81 -24.72
C ALA A 48 27.56 4.03 -25.42
N GLY A 49 26.80 4.87 -24.71
CA GLY A 49 26.14 6.03 -25.34
C GLY A 49 24.84 5.73 -26.08
N LEU A 50 24.17 4.61 -25.85
CA LEU A 50 23.03 4.21 -26.73
C LEU A 50 21.66 4.85 -26.42
N ILE A 51 21.44 5.27 -25.18
CA ILE A 51 20.14 5.85 -24.82
C ILE A 51 19.65 6.98 -25.72
N PRO A 52 20.50 7.98 -25.96
CA PRO A 52 20.00 9.00 -26.83
C PRO A 52 19.74 8.51 -28.31
N LYS A 53 20.47 7.49 -28.80
CA LYS A 53 20.11 6.86 -30.09
C LYS A 53 18.74 6.20 -30.01
N PHE A 54 18.45 5.42 -28.96
CA PHE A 54 17.10 4.86 -28.79
C PHE A 54 16.00 5.94 -28.68
N VAL A 55 16.27 7.06 -28.01
CA VAL A 55 15.25 8.09 -27.85
C VAL A 55 14.96 8.69 -29.21
N SER A 56 15.98 8.86 -30.05
CA SER A 56 15.75 9.44 -31.40
C SER A 56 14.97 8.45 -32.27
N PHE A 57 15.16 7.14 -32.08
CA PHE A 57 14.37 6.15 -32.80
C PHE A 57 12.84 6.18 -32.49
N LEU A 58 12.45 6.68 -31.32
CA LEU A 58 11.05 6.80 -30.88
C LEU A 58 10.32 7.74 -31.78
N GLY A 59 11.06 8.69 -32.35
CA GLY A 59 10.47 9.66 -33.28
C GLY A 59 10.44 9.25 -34.76
N LYS A 60 10.95 8.07 -35.11
CA LYS A 60 10.89 7.63 -36.52
C LYS A 60 9.51 7.11 -36.90
N THR A 61 8.54 8.01 -37.11
CA THR A 61 7.18 7.57 -37.40
C THR A 61 7.08 6.72 -38.70
N ASP A 62 7.99 6.99 -39.63
CA ASP A 62 8.19 6.22 -40.86
C ASP A 62 8.52 4.73 -40.70
N CYS A 63 9.05 4.36 -39.53
CA CYS A 63 9.54 3.03 -39.24
C CYS A 63 9.08 2.60 -37.82
N SER A 64 7.84 2.13 -37.81
CA SER A 64 7.13 1.76 -36.61
C SER A 64 7.81 0.58 -35.89
N PRO A 65 8.44 -0.38 -36.64
CA PRO A 65 9.21 -1.44 -35.92
C PRO A 65 10.39 -0.98 -35.03
N ILE A 66 11.13 0.07 -35.40
CA ILE A 66 12.26 0.48 -34.57
C ILE A 66 11.75 1.35 -33.37
N GLN A 67 10.66 2.07 -33.57
CA GLN A 67 9.86 2.68 -32.48
C GLN A 67 9.59 1.66 -31.38
N PHE A 68 9.05 0.49 -31.75
CA PHE A 68 8.66 -0.54 -30.80
C PHE A 68 9.81 -1.19 -30.07
N GLU A 69 10.84 -1.59 -30.84
CA GLU A 69 12.06 -2.17 -30.29
C GLU A 69 12.79 -1.18 -29.35
N SER A 70 12.95 0.10 -29.77
CA SER A 70 13.57 1.05 -28.88
C SER A 70 12.69 1.38 -27.62
N ALA A 71 11.37 1.44 -27.82
CA ALA A 71 10.43 1.68 -26.69
C ALA A 71 10.56 0.54 -25.70
N TRP A 72 10.73 -0.67 -26.19
CA TRP A 72 10.88 -1.87 -25.34
C TRP A 72 12.24 -1.91 -24.58
N ALA A 73 13.31 -1.59 -25.29
CA ALA A 73 14.65 -1.47 -24.69
C ALA A 73 14.69 -0.34 -23.60
N LEU A 74 14.15 0.82 -23.90
CA LEU A 74 14.11 1.90 -22.95
C LEU A 74 13.24 1.60 -21.71
N THR A 75 12.12 0.89 -21.88
CA THR A 75 11.28 0.41 -20.78
C THR A 75 12.07 -0.42 -19.79
N ASN A 76 12.94 -1.28 -20.31
CA ASN A 76 13.67 -2.25 -19.47
C ASN A 76 14.87 -1.62 -18.73
N ILE A 77 15.58 -0.71 -19.41
CA ILE A 77 16.58 0.15 -18.73
C ILE A 77 15.92 1.00 -17.63
N ALA A 78 14.75 1.60 -17.93
CA ALA A 78 14.05 2.41 -16.93
C ALA A 78 13.46 1.59 -15.79
N SER A 79 13.39 0.26 -15.94
CA SER A 79 12.92 -0.61 -14.89
C SER A 79 14.03 -0.90 -13.89
N GLY A 80 15.24 -0.36 -14.07
CA GLY A 80 16.37 -0.71 -13.21
C GLY A 80 16.46 0.23 -12.01
N THR A 81 17.69 0.55 -11.64
CA THR A 81 17.96 1.39 -10.44
C THR A 81 17.60 2.80 -10.81
N SER A 82 17.49 3.69 -9.84
CA SER A 82 17.23 5.11 -10.10
C SER A 82 18.25 5.76 -10.98
N GLU A 83 19.53 5.39 -10.85
CA GLU A 83 20.53 5.94 -11.78
C GLU A 83 20.20 5.51 -13.25
N GLN A 84 19.72 4.28 -13.42
CA GLN A 84 19.35 3.75 -14.73
C GLN A 84 18.15 4.48 -15.31
N THR A 85 17.07 4.68 -14.52
CA THR A 85 15.92 5.53 -14.88
C THR A 85 16.31 6.92 -15.22
N LYS A 86 17.21 7.48 -14.43
CA LYS A 86 17.69 8.85 -14.71
C LYS A 86 18.35 8.98 -16.07
N ALA A 87 19.16 7.97 -16.44
CA ALA A 87 19.83 8.00 -17.74
C ALA A 87 18.75 8.06 -18.87
N VAL A 88 17.64 7.36 -18.67
CA VAL A 88 16.58 7.39 -19.67
C VAL A 88 15.93 8.74 -19.68
N VAL A 89 15.65 9.30 -18.51
CA VAL A 89 15.07 10.64 -18.46
C VAL A 89 16.00 11.72 -19.06
N ASP A 90 17.25 11.73 -18.63
CA ASP A 90 18.27 12.66 -19.22
C ASP A 90 18.43 12.53 -20.71
N GLY A 91 18.18 11.32 -21.25
CA GLY A 91 18.24 11.12 -22.69
C GLY A 91 17.07 11.78 -23.41
N GLY A 92 16.19 12.52 -22.73
CA GLY A 92 15.01 13.16 -23.39
C GLY A 92 13.78 12.27 -23.59
N ALA A 93 13.74 11.18 -22.87
CA ALA A 93 12.72 10.18 -23.18
C ALA A 93 11.28 10.57 -22.84
N ILE A 94 11.05 11.45 -21.85
CA ILE A 94 9.61 11.65 -21.41
C ILE A 94 8.68 12.21 -22.53
N PRO A 95 9.05 13.35 -23.13
CA PRO A 95 8.20 13.88 -24.18
C PRO A 95 8.11 12.94 -25.41
N ALA A 96 9.18 12.22 -25.75
CA ALA A 96 9.13 11.24 -26.83
C ALA A 96 8.12 10.13 -26.53
N PHE A 97 8.15 9.55 -25.34
CA PHE A 97 7.14 8.58 -24.95
C PHE A 97 5.73 9.18 -24.89
N ILE A 98 5.58 10.44 -24.48
CA ILE A 98 4.29 11.06 -24.51
C ILE A 98 3.69 11.25 -25.92
N SER A 99 4.49 11.58 -26.92
CA SER A 99 3.99 11.61 -28.28
C SER A 99 3.63 10.23 -28.80
N LEU A 100 4.35 9.20 -28.40
CA LEU A 100 4.02 7.86 -28.81
C LEU A 100 2.69 7.29 -28.26
N LEU A 101 2.12 7.92 -27.23
CA LEU A 101 0.77 7.61 -26.77
C LEU A 101 -0.28 7.82 -27.89
N ALA A 102 0.06 8.66 -28.88
CA ALA A 102 -0.89 8.96 -29.98
C ALA A 102 -0.74 7.94 -31.11
N SER A 103 0.24 7.07 -31.02
CA SER A 103 0.53 6.17 -32.09
C SER A 103 -0.76 5.39 -32.50
N PRO A 104 -0.93 5.19 -33.82
CA PRO A 104 -1.98 4.34 -34.37
C PRO A 104 -1.74 2.86 -34.14
N HIS A 105 -0.53 2.48 -33.73
CA HIS A 105 -0.27 1.09 -33.39
C HIS A 105 -0.40 0.93 -31.90
N ALA A 106 -1.28 0.01 -31.51
CA ALA A 106 -1.66 -0.25 -30.12
C ALA A 106 -0.50 -0.78 -29.30
N HIS A 107 0.32 -1.63 -29.92
CA HIS A 107 1.46 -2.25 -29.27
C HIS A 107 2.56 -1.24 -28.97
N ILE A 108 2.60 -0.17 -29.74
CA ILE A 108 3.54 0.91 -29.55
C ILE A 108 3.01 1.93 -28.46
N SER A 109 1.73 2.30 -28.56
CA SER A 109 1.11 3.16 -27.56
C SER A 109 1.12 2.44 -26.17
N GLU A 110 0.87 1.12 -26.15
CA GLU A 110 0.98 0.34 -24.95
C GLU A 110 2.39 0.31 -24.33
N GLN A 111 3.44 0.30 -25.15
CA GLN A 111 4.78 0.25 -24.66
C GLN A 111 5.19 1.63 -24.10
N ALA A 112 4.78 2.68 -24.78
CA ALA A 112 4.97 4.04 -24.28
C ALA A 112 4.31 4.19 -22.87
N VAL A 113 3.17 3.52 -22.65
CA VAL A 113 2.46 3.66 -21.35
C VAL A 113 3.28 2.93 -20.29
N TRP A 114 3.74 1.73 -20.66
CA TRP A 114 4.59 0.90 -19.79
C TRP A 114 5.91 1.64 -19.44
N ALA A 115 6.57 2.27 -20.39
CA ALA A 115 7.80 3.02 -20.09
C ALA A 115 7.55 4.18 -19.12
N LEU A 116 6.49 4.95 -19.36
CA LEU A 116 6.13 6.10 -18.48
C LEU A 116 5.76 5.63 -17.09
N GLY A 117 5.15 4.45 -16.97
CA GLY A 117 4.95 3.89 -15.66
C GLY A 117 6.22 3.58 -14.88
N ASN A 118 7.30 3.11 -15.56
CA ASN A 118 8.59 2.84 -14.92
C ASN A 118 9.25 4.12 -14.50
N ILE A 119 9.12 5.12 -15.32
CA ILE A 119 9.69 6.43 -15.01
C ILE A 119 8.97 7.06 -13.82
N ALA A 120 7.65 7.18 -13.92
CA ALA A 120 6.82 7.67 -12.81
C ALA A 120 7.07 6.82 -11.56
N GLY A 121 7.28 5.51 -11.71
CA GLY A 121 7.47 4.62 -10.58
C GLY A 121 8.76 4.79 -9.79
N ASP A 122 9.71 5.56 -10.31
CA ASP A 122 10.96 5.74 -9.63
C ASP A 122 10.84 6.53 -8.32
N GLY A 123 9.82 7.38 -8.19
CA GLY A 123 9.80 8.31 -7.05
C GLY A 123 9.08 9.61 -7.42
N SER A 124 8.93 10.48 -6.42
CA SER A 124 8.23 11.74 -6.51
C SER A 124 8.62 12.72 -7.56
N ALA A 125 9.93 12.95 -7.69
CA ALA A 125 10.45 13.91 -8.64
C ALA A 125 10.13 13.48 -10.09
N PHE A 126 10.35 12.21 -10.44
CA PHE A 126 10.05 11.72 -11.86
C PHE A 126 8.54 11.57 -12.14
N ARG A 127 7.80 11.16 -11.12
CA ARG A 127 6.33 11.17 -11.17
C ARG A 127 5.83 12.58 -11.54
N ASP A 128 6.29 13.57 -10.79
CA ASP A 128 5.89 14.94 -11.03
C ASP A 128 6.38 15.53 -12.36
N LEU A 129 7.55 15.09 -12.86
CA LEU A 129 8.04 15.50 -14.19
C LEU A 129 7.21 14.95 -15.33
N VAL A 130 6.88 13.67 -15.27
CA VAL A 130 5.89 13.10 -16.20
C VAL A 130 4.53 13.89 -16.26
N ILE A 131 3.96 14.23 -15.10
CA ILE A 131 2.77 15.05 -15.00
C ILE A 131 3.01 16.42 -15.67
N LYS A 132 4.12 17.03 -15.35
CA LYS A 132 4.42 18.34 -15.97
C LYS A 132 4.55 18.30 -17.47
N HIS A 133 5.12 17.23 -18.03
CA HIS A 133 5.22 17.12 -19.48
C HIS A 133 3.85 16.83 -20.08
N GLY A 134 2.80 16.67 -19.28
CA GLY A 134 1.47 16.48 -19.87
C GLY A 134 1.02 15.04 -20.17
N ALA A 135 1.46 14.05 -19.39
CA ALA A 135 1.08 12.67 -19.70
C ALA A 135 -0.39 12.34 -19.36
N ILE A 136 -0.98 13.04 -18.39
CA ILE A 136 -2.28 12.63 -17.85
C ILE A 136 -3.40 12.65 -18.88
N ASP A 137 -3.57 13.80 -19.54
CA ASP A 137 -4.54 13.93 -20.66
C ASP A 137 -4.50 12.81 -21.71
N PRO A 138 -3.33 12.61 -22.40
CA PRO A 138 -3.37 11.47 -23.34
C PRO A 138 -3.45 10.10 -22.73
N LEU A 139 -2.95 9.84 -21.52
CA LEU A 139 -3.23 8.58 -20.85
C LEU A 139 -4.74 8.35 -20.62
N LEU A 140 -5.45 9.34 -20.10
CA LEU A 140 -6.90 9.19 -19.84
C LEU A 140 -7.75 9.10 -21.07
N ALA A 141 -7.31 9.77 -22.15
CA ALA A 141 -7.94 9.65 -23.49
C ALA A 141 -7.91 8.23 -24.02
N LEU A 142 -6.94 7.43 -23.58
CA LEU A 142 -6.88 6.03 -24.06
C LEU A 142 -7.99 5.17 -23.43
N LEU A 143 -8.69 5.70 -22.42
CA LEU A 143 -9.78 4.99 -21.71
C LEU A 143 -11.15 5.56 -22.03
N ALA A 144 -11.17 6.52 -22.96
CA ALA A 144 -12.42 7.23 -23.36
C ALA A 144 -13.23 6.41 -24.40
N VAL A 145 -13.66 5.23 -23.95
CA VAL A 145 -14.52 4.31 -24.66
C VAL A 145 -15.75 4.06 -23.78
N PRO A 146 -16.94 3.82 -24.36
CA PRO A 146 -18.15 3.50 -23.57
C PRO A 146 -18.00 2.25 -22.70
N ASP A 147 -17.36 1.22 -23.21
CA ASP A 147 -17.25 -0.04 -22.45
C ASP A 147 -15.76 -0.47 -22.42
N LEU A 148 -15.17 -0.65 -21.23
CA LEU A 148 -13.72 -0.90 -21.07
C LEU A 148 -13.37 -2.27 -21.54
N SER A 149 -14.41 -3.10 -21.59
CA SER A 149 -14.28 -4.48 -22.01
C SER A 149 -13.96 -4.59 -23.50
N THR A 150 -14.12 -3.54 -24.29
CA THR A 150 -13.74 -3.64 -25.67
C THR A 150 -12.22 -3.45 -25.83
N LEU A 151 -11.52 -3.03 -24.78
CA LEU A 151 -10.07 -2.87 -24.84
C LEU A 151 -9.41 -4.19 -24.55
N ALA A 152 -8.25 -4.45 -25.14
CA ALA A 152 -7.46 -5.62 -24.81
C ALA A 152 -7.10 -5.61 -23.32
N CYS A 153 -7.08 -6.81 -22.75
CA CYS A 153 -6.84 -7.05 -21.35
C CYS A 153 -5.45 -6.59 -20.86
N GLY A 154 -4.39 -6.99 -21.57
CA GLY A 154 -3.03 -6.57 -21.22
C GLY A 154 -2.80 -5.08 -21.36
N TYR A 155 -3.40 -4.49 -22.38
CA TYR A 155 -3.43 -3.06 -22.59
C TYR A 155 -4.07 -2.24 -21.41
N LEU A 156 -5.28 -2.63 -21.02
CA LEU A 156 -5.98 -2.06 -19.88
C LEU A 156 -5.21 -2.32 -18.55
N ARG A 157 -4.64 -3.52 -18.38
CA ARG A 157 -3.75 -3.75 -17.21
C ARG A 157 -2.51 -2.86 -17.11
N ASN A 158 -1.82 -2.64 -18.24
CA ASN A 158 -0.72 -1.73 -18.27
C ASN A 158 -1.12 -0.30 -17.94
N LEU A 159 -2.20 0.22 -18.51
CA LEU A 159 -2.67 1.56 -18.22
C LEU A 159 -2.99 1.78 -16.76
N THR A 160 -3.69 0.82 -16.16
CA THR A 160 -4.11 0.91 -14.76
C THR A 160 -2.89 0.95 -13.90
N TRP A 161 -1.91 0.08 -14.15
CA TRP A 161 -0.64 0.06 -13.41
C TRP A 161 0.12 1.41 -13.44
N THR A 162 0.17 2.03 -14.60
CA THR A 162 0.83 3.36 -14.80
C THR A 162 0.09 4.50 -14.08
N LEU A 163 -1.24 4.48 -14.15
CA LEU A 163 -2.09 5.46 -13.43
C LEU A 163 -1.87 5.39 -11.99
N SER A 164 -1.77 4.18 -11.46
CA SER A 164 -1.47 3.93 -10.06
C SER A 164 -0.07 4.44 -9.57
N ASN A 165 0.96 4.33 -10.43
CA ASN A 165 2.30 4.96 -10.19
C ASN A 165 2.25 6.49 -10.21
N LEU A 166 1.29 7.05 -10.94
CA LEU A 166 1.09 8.52 -10.90
C LEU A 166 0.41 9.03 -9.63
N CYS A 167 -0.20 8.12 -8.88
CA CYS A 167 -0.84 8.34 -7.57
C CYS A 167 0.13 7.97 -6.42
N ARG A 168 1.26 7.36 -6.75
CA ARG A 168 2.04 6.77 -5.69
C ARG A 168 3.11 7.75 -5.13
N ASN A 169 3.53 7.58 -3.86
CA ASN A 169 4.72 8.21 -3.23
C ASN A 169 4.26 9.44 -2.47
N LYS A 170 5.03 9.91 -1.50
CA LYS A 170 4.42 10.78 -0.51
C LYS A 170 5.28 11.90 0.14
N ASN A 171 6.55 12.04 -0.27
CA ASN A 171 7.27 13.26 0.15
C ASN A 171 7.82 14.09 -1.06
N PRO A 172 6.94 14.77 -1.81
CA PRO A 172 5.49 14.95 -1.56
C PRO A 172 4.53 14.00 -2.37
N ALA A 173 3.27 14.11 -1.97
CA ALA A 173 2.10 13.52 -2.58
C ALA A 173 1.91 14.19 -3.95
N PRO A 174 1.15 13.54 -4.87
CA PRO A 174 0.89 14.09 -6.20
C PRO A 174 0.11 15.38 -6.11
N PRO A 175 0.28 16.28 -7.11
CA PRO A 175 -0.50 17.51 -7.00
C PRO A 175 -2.00 17.24 -6.99
N LEU A 176 -2.69 17.99 -6.13
CA LEU A 176 -4.14 17.90 -5.99
C LEU A 176 -4.90 17.90 -7.28
N ASP A 177 -4.46 18.77 -8.17
CA ASP A 177 -5.11 18.96 -9.47
C ASP A 177 -4.88 17.74 -10.42
N ALA A 178 -3.74 17.07 -10.31
CA ALA A 178 -3.55 15.77 -10.96
C ALA A 178 -4.55 14.69 -10.42
N VAL A 179 -4.61 14.60 -9.10
CA VAL A 179 -5.44 13.68 -8.37
C VAL A 179 -6.92 13.87 -8.78
N GLU A 180 -7.35 15.12 -8.99
CA GLU A 180 -8.75 15.36 -9.32
C GLU A 180 -9.10 14.97 -10.78
N GLN A 181 -8.13 15.12 -11.66
CA GLN A 181 -8.24 14.67 -13.04
C GLN A 181 -8.30 13.13 -13.16
N ILE A 182 -7.55 12.46 -12.31
CA ILE A 182 -7.42 10.97 -12.35
C ILE A 182 -8.57 10.20 -11.61
N LEU A 183 -9.03 10.70 -10.44
CA LEU A 183 -10.08 10.04 -9.62
C LEU A 183 -11.32 9.44 -10.30
N PRO A 184 -12.00 10.21 -11.19
CA PRO A 184 -13.16 9.63 -11.95
C PRO A 184 -12.88 8.37 -12.76
N THR A 185 -11.66 8.22 -13.32
CA THR A 185 -11.26 7.07 -14.16
C THR A 185 -10.93 5.94 -13.24
N LEU A 186 -10.30 6.27 -12.13
CA LEU A 186 -10.01 5.29 -11.11
C LEU A 186 -11.29 4.67 -10.48
N VAL A 187 -12.33 5.49 -10.19
CA VAL A 187 -13.62 4.99 -9.75
C VAL A 187 -14.21 3.99 -10.79
N ARG A 188 -14.10 4.35 -12.08
CA ARG A 188 -14.53 3.49 -13.15
C ARG A 188 -13.71 2.16 -13.26
N LEU A 189 -12.39 2.19 -13.06
CA LEU A 189 -11.58 0.92 -13.12
C LEU A 189 -11.89 -0.03 -11.94
N LEU A 190 -12.27 0.58 -10.84
CA LEU A 190 -12.73 -0.13 -9.64
C LEU A 190 -14.04 -0.93 -9.79
N HIS A 191 -14.78 -0.67 -10.89
CA HIS A 191 -15.94 -1.49 -11.21
C HIS A 191 -15.71 -2.37 -12.40
N HIS A 192 -14.47 -2.48 -12.87
CA HIS A 192 -14.13 -3.31 -14.02
C HIS A 192 -13.85 -4.71 -13.53
N ASN A 193 -14.55 -5.71 -14.03
CA ASN A 193 -14.31 -7.10 -13.58
C ASN A 193 -13.09 -7.82 -14.27
N ASP A 194 -11.89 -7.46 -13.84
CA ASP A 194 -10.64 -8.16 -14.13
C ASP A 194 -9.86 -7.97 -12.85
N PRO A 195 -9.39 -9.07 -12.26
CA PRO A 195 -8.74 -9.05 -10.94
C PRO A 195 -7.45 -8.19 -10.86
N GLU A 196 -6.67 -8.15 -11.95
CA GLU A 196 -5.44 -7.37 -11.94
C GLU A 196 -5.69 -5.84 -12.11
N VAL A 197 -6.64 -5.43 -12.96
CA VAL A 197 -7.12 -4.08 -12.98
C VAL A 197 -7.74 -3.68 -11.63
N LEU A 198 -8.49 -4.58 -10.97
CA LEU A 198 -9.13 -4.23 -9.66
C LEU A 198 -8.07 -4.10 -8.61
N ALA A 199 -7.10 -5.04 -8.60
CA ALA A 199 -5.93 -4.91 -7.68
C ALA A 199 -5.17 -3.59 -7.76
N ASP A 200 -4.65 -3.26 -8.93
CA ASP A 200 -3.93 -2.01 -9.11
C ASP A 200 -4.75 -0.74 -8.88
N SER A 201 -6.07 -0.78 -9.14
CA SER A 201 -6.98 0.31 -8.82
C SER A 201 -7.09 0.55 -7.36
N CYS A 202 -7.25 -0.51 -6.58
CA CYS A 202 -7.22 -0.41 -5.12
C CYS A 202 -5.88 0.04 -4.56
N TRP A 203 -4.76 -0.42 -5.11
CA TRP A 203 -3.46 0.17 -4.75
C TRP A 203 -3.49 1.66 -5.02
N ALA A 204 -3.94 2.11 -6.18
CA ALA A 204 -4.00 3.56 -6.46
C ALA A 204 -4.80 4.32 -5.34
N ILE A 205 -5.97 3.78 -4.97
CA ILE A 205 -6.80 4.40 -3.95
C ILE A 205 -6.10 4.34 -2.63
N SER A 206 -5.38 3.24 -2.35
CA SER A 206 -4.58 3.21 -1.10
C SER A 206 -3.45 4.27 -1.00
N TYR A 207 -2.83 4.66 -2.12
CA TYR A 207 -1.78 5.63 -2.08
C TYR A 207 -2.43 6.98 -1.85
N LEU A 208 -3.59 7.20 -2.47
CA LEU A 208 -4.21 8.49 -2.42
C LEU A 208 -4.84 8.83 -1.06
N THR A 209 -5.14 7.81 -0.23
CA THR A 209 -5.83 7.96 1.09
C THR A 209 -4.82 7.80 2.19
N ASP A 210 -3.55 7.69 1.85
CA ASP A 210 -2.48 7.77 2.85
C ASP A 210 -1.96 9.21 2.87
N GLY A 211 -1.86 9.78 4.05
CA GLY A 211 -1.60 11.19 4.16
C GLY A 211 -2.66 11.82 5.02
N PRO A 212 -2.79 13.15 4.93
CA PRO A 212 -3.70 14.02 5.68
C PRO A 212 -5.15 13.76 5.33
N ASN A 213 -6.04 14.15 6.28
CA ASN A 213 -7.46 13.86 6.20
C ASN A 213 -8.16 14.56 5.05
N GLU A 214 -7.58 15.67 4.59
CA GLU A 214 -8.08 16.34 3.36
C GLU A 214 -7.94 15.46 2.11
N ARG A 215 -6.85 14.69 2.01
CA ARG A 215 -6.70 13.71 0.91
C ARG A 215 -7.76 12.58 1.00
N ILE A 216 -7.97 12.04 2.19
CA ILE A 216 -9.01 11.02 2.42
C ILE A 216 -10.35 11.57 2.01
N GLU A 217 -10.65 12.84 2.33
CA GLU A 217 -12.00 13.41 2.02
C GLU A 217 -12.27 13.43 0.54
N MET A 218 -11.23 13.73 -0.23
CA MET A 218 -11.44 13.78 -1.66
C MET A 218 -11.74 12.41 -2.29
N VAL A 219 -11.18 11.36 -1.71
CA VAL A 219 -11.57 9.98 -2.13
C VAL A 219 -12.95 9.55 -1.68
N VAL A 220 -13.15 9.54 -0.37
CA VAL A 220 -14.43 9.27 0.28
C VAL A 220 -15.61 10.03 -0.37
N LYS A 221 -15.43 11.32 -0.68
CA LYS A 221 -16.42 12.09 -1.43
C LYS A 221 -16.80 11.55 -2.79
N LYS A 222 -15.90 10.85 -3.48
CA LYS A 222 -16.22 10.16 -4.75
C LYS A 222 -17.17 8.95 -4.60
N GLY A 223 -17.54 8.60 -3.36
CA GLY A 223 -18.49 7.54 -3.08
C GLY A 223 -17.97 6.10 -3.20
N VAL A 224 -16.66 5.92 -3.16
CA VAL A 224 -16.03 4.59 -3.39
C VAL A 224 -16.03 3.57 -2.24
N VAL A 225 -16.32 4.01 -1.00
CA VAL A 225 -16.16 3.14 0.18
C VAL A 225 -16.95 1.80 0.05
N PRO A 226 -18.24 1.83 -0.38
CA PRO A 226 -19.00 0.58 -0.55
C PRO A 226 -18.39 -0.39 -1.56
N GLN A 227 -17.86 0.10 -2.69
CA GLN A 227 -17.13 -0.74 -3.66
C GLN A 227 -15.84 -1.29 -3.05
N LEU A 228 -15.10 -0.47 -2.28
CA LEU A 228 -13.92 -0.96 -1.54
C LEU A 228 -14.23 -2.13 -0.55
N VAL A 229 -15.31 -1.97 0.20
CA VAL A 229 -15.75 -2.98 1.15
C VAL A 229 -16.15 -4.28 0.43
N LYS A 230 -16.79 -4.16 -0.71
CA LYS A 230 -17.09 -5.31 -1.57
C LYS A 230 -15.79 -6.01 -2.06
N LEU A 231 -14.73 -5.24 -2.35
CA LEU A 231 -13.45 -5.86 -2.80
C LEU A 231 -12.74 -6.49 -1.61
N LEU A 232 -13.03 -5.94 -0.44
CA LEU A 232 -12.51 -6.47 0.83
C LEU A 232 -12.95 -7.93 1.12
N GLY A 233 -14.10 -8.29 0.62
CA GLY A 233 -14.63 -9.63 0.76
C GLY A 233 -14.28 -10.57 -0.36
N ALA A 234 -13.43 -10.16 -1.32
CA ALA A 234 -13.06 -10.98 -2.51
C ALA A 234 -12.27 -12.23 -2.10
N THR A 235 -12.19 -13.22 -2.97
CA THR A 235 -11.38 -14.37 -2.57
C THR A 235 -9.94 -14.21 -3.02
N GLU A 236 -9.70 -13.29 -3.97
CA GLU A 236 -8.32 -13.04 -4.46
C GLU A 236 -7.51 -12.20 -3.46
N LEU A 237 -6.55 -12.85 -2.81
CA LEU A 237 -5.69 -12.14 -1.87
C LEU A 237 -4.96 -10.87 -2.42
N PRO A 238 -4.58 -10.85 -3.73
CA PRO A 238 -4.01 -9.63 -4.30
C PRO A 238 -5.02 -8.46 -4.49
N ILE A 239 -6.31 -8.75 -4.46
CA ILE A 239 -7.33 -7.69 -4.33
C ILE A 239 -7.57 -7.30 -2.87
N VAL A 240 -7.67 -8.28 -1.98
CA VAL A 240 -8.03 -8.04 -0.60
C VAL A 240 -6.96 -7.17 0.07
N THR A 241 -5.69 -7.41 -0.25
CA THR A 241 -4.58 -6.67 0.34
C THR A 241 -4.61 -5.13 0.14
N PRO A 242 -4.66 -4.64 -1.12
CA PRO A 242 -4.79 -3.18 -1.21
C PRO A 242 -6.20 -2.68 -0.84
N ALA A 243 -7.25 -3.49 -0.96
CA ALA A 243 -8.57 -2.98 -0.47
C ALA A 243 -8.55 -2.73 1.03
N LEU A 244 -7.97 -3.67 1.78
CA LEU A 244 -7.74 -3.51 3.21
C LEU A 244 -6.85 -2.34 3.59
N ARG A 245 -5.72 -2.20 2.88
CA ARG A 245 -4.91 -1.02 3.08
C ARG A 245 -5.68 0.34 2.89
N ALA A 246 -6.46 0.47 1.84
CA ALA A 246 -7.19 1.67 1.54
C ALA A 246 -8.25 1.95 2.68
N ILE A 247 -9.06 0.93 3.05
CA ILE A 247 -10.01 0.97 4.18
C ILE A 247 -9.27 1.35 5.45
N GLY A 248 -8.16 0.69 5.76
CA GLY A 248 -7.37 1.03 6.93
C GLY A 248 -6.93 2.51 6.94
N ASN A 249 -6.41 2.99 5.80
CA ASN A 249 -6.05 4.43 5.69
C ASN A 249 -7.24 5.35 6.00
N ILE A 250 -8.42 5.00 5.50
CA ILE A 250 -9.62 5.80 5.71
C ILE A 250 -10.05 5.94 7.20
N VAL A 251 -9.88 4.89 7.99
CA VAL A 251 -10.19 4.91 9.41
C VAL A 251 -9.12 5.63 10.28
N THR A 252 -8.00 6.01 9.68
CA THR A 252 -7.08 6.91 10.36
C THR A 252 -7.60 8.36 10.29
N GLY A 253 -8.68 8.63 9.60
CA GLY A 253 -9.09 10.02 9.35
C GLY A 253 -10.03 10.48 10.45
N THR A 254 -11.08 11.20 10.10
CA THR A 254 -11.99 11.77 11.10
C THR A 254 -13.05 10.71 11.51
N ASP A 255 -13.74 10.93 12.64
CA ASP A 255 -14.88 10.08 13.02
C ASP A 255 -15.94 9.95 11.95
N GLU A 256 -16.24 11.01 11.22
CA GLU A 256 -17.20 10.95 10.10
C GLU A 256 -16.74 10.10 8.89
N GLN A 257 -15.44 10.12 8.58
CA GLN A 257 -14.83 9.29 7.51
C GLN A 257 -14.85 7.85 7.94
N THR A 258 -14.46 7.62 9.20
CA THR A 258 -14.56 6.29 9.86
C THR A 258 -15.95 5.66 9.80
N GLN A 259 -17.01 6.45 10.07
CA GLN A 259 -18.40 6.02 10.00
C GLN A 259 -18.90 5.57 8.62
N LYS A 260 -18.38 6.19 7.57
CA LYS A 260 -18.62 5.76 6.20
C LYS A 260 -18.19 4.31 5.99
N VAL A 261 -17.05 3.88 6.53
CA VAL A 261 -16.71 2.46 6.33
C VAL A 261 -17.55 1.56 7.23
N ILE A 262 -17.89 2.02 8.43
CA ILE A 262 -18.83 1.24 9.29
C ILE A 262 -20.16 1.06 8.60
N ASP A 263 -20.70 2.17 8.08
CA ASP A 263 -22.02 2.22 7.42
C ASP A 263 -22.04 1.31 6.21
N ALA A 264 -20.90 1.19 5.51
CA ALA A 264 -20.84 0.34 4.29
C ALA A 264 -20.69 -1.15 4.64
N GLY A 265 -20.60 -1.47 5.92
CA GLY A 265 -20.67 -2.88 6.33
C GLY A 265 -19.32 -3.56 6.46
N ALA A 266 -18.24 -2.79 6.63
CA ALA A 266 -16.87 -3.34 6.67
C ALA A 266 -16.65 -4.31 7.82
N LEU A 267 -17.33 -4.07 8.94
CA LEU A 267 -17.07 -4.85 10.12
C LEU A 267 -17.50 -6.30 9.95
N ALA A 268 -18.49 -6.59 9.11
CA ALA A 268 -18.88 -7.99 8.90
C ALA A 268 -17.77 -8.86 8.25
N VAL A 269 -16.73 -8.28 7.65
CA VAL A 269 -15.69 -9.07 6.98
C VAL A 269 -14.56 -9.35 7.94
N PHE A 270 -14.56 -8.66 9.07
CA PHE A 270 -13.43 -8.77 9.94
C PHE A 270 -13.18 -10.11 10.61
N PRO A 271 -14.25 -10.90 10.95
CA PRO A 271 -13.96 -12.27 11.42
C PRO A 271 -13.02 -13.02 10.53
N SER A 272 -13.21 -12.97 9.20
CA SER A 272 -12.32 -13.71 8.31
C SER A 272 -10.95 -13.04 8.22
N LEU A 273 -10.92 -11.70 8.24
CA LEU A 273 -9.62 -10.97 8.14
C LEU A 273 -8.73 -11.17 9.34
N LEU A 274 -9.35 -11.15 10.54
CA LEU A 274 -8.66 -11.36 11.79
C LEU A 274 -8.15 -12.82 12.03
N THR A 275 -8.67 -13.81 11.29
CA THR A 275 -8.19 -15.20 11.37
C THR A 275 -7.55 -15.69 10.03
N ASN A 276 -7.19 -14.73 9.17
CA ASN A 276 -6.62 -15.00 7.86
C ASN A 276 -5.25 -15.71 8.00
N PRO A 277 -5.04 -16.75 7.20
CA PRO A 277 -3.76 -17.49 7.20
C PRO A 277 -2.58 -16.62 6.82
N LYS A 278 -2.79 -15.58 6.02
CA LYS A 278 -1.68 -14.65 5.66
C LYS A 278 -1.45 -13.62 6.76
N THR A 279 -0.27 -13.65 7.37
CA THR A 279 -0.02 -12.80 8.55
C THR A 279 -0.05 -11.32 8.24
N ASN A 280 0.26 -10.95 7.02
CA ASN A 280 0.18 -9.54 6.69
C ASN A 280 -1.28 -9.02 6.74
N ILE A 281 -2.25 -9.81 6.23
CA ILE A 281 -3.67 -9.50 6.38
C ILE A 281 -4.14 -9.35 7.84
N GLN A 282 -3.79 -10.30 8.72
CA GLN A 282 -4.10 -10.24 10.13
C GLN A 282 -3.51 -8.97 10.76
N LYS A 283 -2.24 -8.68 10.46
CA LYS A 283 -1.56 -7.50 10.98
C LYS A 283 -2.33 -6.24 10.63
N GLU A 284 -2.65 -6.05 9.35
CA GLU A 284 -3.36 -4.85 8.85
C GLU A 284 -4.76 -4.77 9.32
N ALA A 285 -5.47 -5.89 9.39
CA ALA A 285 -6.84 -5.88 9.89
C ALA A 285 -6.87 -5.47 11.36
N THR A 286 -5.88 -5.91 12.12
CA THR A 286 -5.76 -5.54 13.52
C THR A 286 -5.35 -4.04 13.71
N TRP A 287 -4.44 -3.55 12.86
CA TRP A 287 -4.15 -2.11 12.76
C TRP A 287 -5.43 -1.33 12.50
N THR A 288 -6.23 -1.78 11.56
CA THR A 288 -7.44 -1.09 11.17
C THR A 288 -8.44 -1.12 12.36
N MET A 289 -8.59 -2.26 13.01
CA MET A 289 -9.44 -2.33 14.24
C MET A 289 -8.97 -1.35 15.37
N SER A 290 -7.65 -1.20 15.53
CA SER A 290 -7.07 -0.28 16.51
C SER A 290 -7.44 1.18 16.26
N ASN A 291 -7.69 1.55 14.98
CA ASN A 291 -8.07 2.92 14.61
C ASN A 291 -9.55 3.11 14.71
N ILE A 292 -10.30 2.02 14.61
CA ILE A 292 -11.72 2.07 14.87
C ILE A 292 -12.05 2.16 16.38
N THR A 293 -11.28 1.48 17.23
CA THR A 293 -11.50 1.55 18.67
C THR A 293 -10.90 2.83 19.27
N ALA A 294 -10.21 3.62 18.44
CA ALA A 294 -9.80 5.00 18.76
C ALA A 294 -10.93 5.93 18.44
N GLY A 295 -12.05 5.41 17.94
CA GLY A 295 -13.23 6.22 17.61
C GLY A 295 -14.12 6.61 18.77
N ARG A 296 -15.31 7.03 18.41
CA ARG A 296 -16.34 7.36 19.35
C ARG A 296 -16.87 6.12 20.02
N GLN A 297 -17.48 6.32 21.19
CA GLN A 297 -18.17 5.26 21.92
C GLN A 297 -19.24 4.51 21.13
N ASP A 298 -19.96 5.20 20.27
CA ASP A 298 -20.92 4.51 19.41
C ASP A 298 -20.26 3.68 18.30
N GLN A 299 -18.99 3.98 17.98
CA GLN A 299 -18.24 3.19 17.01
C GLN A 299 -17.64 1.99 17.71
N ILE A 300 -17.08 2.18 18.91
CA ILE A 300 -16.73 1.07 19.80
C ILE A 300 -17.89 0.06 19.95
N GLN A 301 -19.15 0.56 20.05
CA GLN A 301 -20.31 -0.31 20.25
C GLN A 301 -20.55 -1.18 19.04
N GLN A 302 -20.34 -0.65 17.84
CA GLN A 302 -20.45 -1.47 16.61
C GLN A 302 -19.41 -2.60 16.47
N VAL A 303 -18.20 -2.42 17.01
CA VAL A 303 -17.22 -3.50 17.10
C VAL A 303 -17.77 -4.58 18.06
N VAL A 304 -18.41 -4.12 19.14
CA VAL A 304 -18.99 -5.00 20.14
C VAL A 304 -20.12 -5.81 19.53
N ASN A 305 -21.05 -5.11 18.89
CA ASN A 305 -22.22 -5.71 18.18
C ASN A 305 -21.95 -6.76 17.10
N HIS A 306 -20.88 -6.54 16.37
CA HIS A 306 -20.47 -7.39 15.28
C HIS A 306 -19.73 -8.62 15.81
N GLY A 307 -19.61 -8.74 17.13
CA GLY A 307 -18.94 -9.90 17.77
C GLY A 307 -17.41 -9.94 17.63
N LEU A 308 -16.77 -8.78 17.55
CA LEU A 308 -15.36 -8.75 17.20
C LEU A 308 -14.42 -8.76 18.38
N VAL A 309 -14.95 -8.57 19.59
CA VAL A 309 -14.03 -8.44 20.72
C VAL A 309 -13.33 -9.78 21.01
N PRO A 310 -14.11 -10.89 20.95
CA PRO A 310 -13.51 -12.26 21.03
C PRO A 310 -12.40 -12.49 20.04
N PHE A 311 -12.58 -11.97 18.81
CA PHE A 311 -11.50 -11.98 17.79
C PHE A 311 -10.26 -11.20 18.20
N LEU A 312 -10.44 -10.06 18.89
CA LEU A 312 -9.29 -9.30 19.34
C LEU A 312 -8.63 -10.03 20.50
N VAL A 313 -9.45 -10.63 21.36
CA VAL A 313 -8.90 -11.50 22.42
C VAL A 313 -8.10 -12.65 21.77
N GLY A 314 -8.60 -13.20 20.67
CA GLY A 314 -7.97 -14.33 19.99
C GLY A 314 -6.67 -13.90 19.41
N VAL A 315 -6.69 -12.82 18.65
CA VAL A 315 -5.46 -12.25 18.10
C VAL A 315 -4.36 -11.78 19.12
N LEU A 316 -4.76 -11.18 20.22
CA LEU A 316 -3.86 -11.00 21.38
C LEU A 316 -3.31 -12.30 22.02
N SER A 317 -4.11 -13.38 22.10
CA SER A 317 -3.59 -14.66 22.58
C SER A 317 -2.54 -15.33 21.68
N LYS A 318 -2.72 -15.24 20.37
CA LYS A 318 -1.96 -16.12 19.47
C LYS A 318 -1.99 -15.53 18.07
N ALA A 319 -0.91 -14.84 17.75
CA ALA A 319 -0.72 -14.25 16.47
C ALA A 319 0.79 -14.04 16.35
N ASP A 320 1.25 -13.65 15.19
CA ASP A 320 2.62 -13.20 15.00
C ASP A 320 2.79 -11.92 15.87
N PHE A 321 3.99 -11.75 16.43
CA PHE A 321 4.23 -10.70 17.42
C PHE A 321 3.87 -9.25 17.00
N LYS A 322 4.13 -8.89 15.74
CA LYS A 322 3.68 -7.59 15.21
C LYS A 322 2.16 -7.50 15.11
N THR A 323 1.47 -8.61 14.88
CA THR A 323 0.01 -8.60 14.96
C THR A 323 -0.45 -8.36 16.41
N GLN A 324 0.19 -9.01 17.38
CA GLN A 324 -0.11 -8.83 18.81
C GLN A 324 0.13 -7.41 19.31
N LYS A 325 1.19 -6.79 18.80
CA LYS A 325 1.53 -5.40 19.12
C LYS A 325 0.39 -4.49 18.68
N GLU A 326 -0.23 -4.78 17.51
CA GLU A 326 -1.41 -3.99 17.05
C GLU A 326 -2.68 -4.24 17.82
N ALA A 327 -2.79 -5.47 18.34
CA ALA A 327 -3.96 -5.81 19.13
C ALA A 327 -3.85 -5.08 20.47
N ALA A 328 -2.61 -4.98 20.94
CA ALA A 328 -2.34 -4.22 22.19
C ALA A 328 -2.81 -2.75 22.06
N TRP A 329 -2.44 -2.10 20.96
CA TRP A 329 -2.95 -0.76 20.63
C TRP A 329 -4.46 -0.70 20.59
N ALA A 330 -5.11 -1.70 20.00
CA ALA A 330 -6.56 -1.74 19.89
C ALA A 330 -7.26 -1.79 21.29
N ILE A 331 -6.70 -2.58 22.18
CA ILE A 331 -7.12 -2.66 23.57
C ILE A 331 -6.99 -1.33 24.40
N THR A 332 -5.80 -0.72 24.38
CA THR A 332 -5.56 0.64 24.95
C THR A 332 -6.50 1.68 24.45
N ASN A 333 -6.75 1.72 23.14
CA ASN A 333 -7.67 2.73 22.59
C ASN A 333 -9.09 2.46 23.01
N TYR A 334 -9.45 1.18 23.06
CA TYR A 334 -10.81 0.80 23.44
C TYR A 334 -11.04 1.19 24.92
N THR A 335 -10.08 0.83 25.78
CA THR A 335 -10.16 1.09 27.22
C THR A 335 -10.02 2.56 27.61
N SER A 336 -9.16 3.31 26.89
CA SER A 336 -9.12 4.79 26.99
C SER A 336 -10.38 5.53 26.50
N GLY A 337 -11.07 5.07 25.45
CA GLY A 337 -12.30 5.81 24.99
C GLY A 337 -13.63 5.11 25.24
N GLY A 338 -13.62 3.85 25.69
CA GLY A 338 -14.91 3.13 25.94
C GLY A 338 -15.69 3.52 27.20
N THR A 339 -17.00 3.27 27.23
CA THR A 339 -17.77 3.37 28.46
C THR A 339 -17.37 2.28 29.42
N VAL A 340 -17.78 2.45 30.68
CA VAL A 340 -17.47 1.47 31.71
C VAL A 340 -18.10 0.10 31.37
N GLU A 341 -19.31 0.08 30.80
CA GLU A 341 -20.01 -1.13 30.40
C GLU A 341 -19.26 -1.92 29.28
N GLN A 342 -18.66 -1.17 28.36
CA GLN A 342 -17.91 -1.70 27.23
C GLN A 342 -16.70 -2.33 27.78
N ILE A 343 -16.12 -1.66 28.78
CA ILE A 343 -14.89 -2.14 29.38
C ILE A 343 -15.09 -3.39 30.26
N VAL A 344 -16.22 -3.49 30.95
CA VAL A 344 -16.57 -4.69 31.72
C VAL A 344 -16.74 -5.88 30.77
N TYR A 345 -17.38 -5.61 29.64
CA TYR A 345 -17.55 -6.58 28.55
C TYR A 345 -16.20 -7.13 28.06
N LEU A 346 -15.25 -6.23 27.80
CA LEU A 346 -13.89 -6.61 27.45
C LEU A 346 -13.28 -7.61 28.43
N VAL A 347 -13.42 -7.34 29.75
CA VAL A 347 -12.85 -8.22 30.81
C VAL A 347 -13.58 -9.57 30.81
N HIS A 348 -14.89 -9.55 30.67
CA HIS A 348 -15.73 -10.75 30.58
C HIS A 348 -15.39 -11.67 29.34
N CYS A 349 -14.83 -11.10 28.28
CA CYS A 349 -14.33 -11.84 27.13
C CYS A 349 -13.01 -12.46 27.31
N GLY A 350 -12.31 -12.22 28.43
CA GLY A 350 -11.06 -12.89 28.74
C GLY A 350 -9.83 -12.08 28.42
N ILE A 351 -9.95 -10.75 28.37
CA ILE A 351 -8.82 -9.91 28.01
C ILE A 351 -7.59 -9.96 28.92
N ILE A 352 -7.82 -10.22 30.21
CA ILE A 352 -6.78 -10.08 31.23
C ILE A 352 -5.63 -11.04 31.03
N GLU A 353 -5.93 -12.33 30.97
CA GLU A 353 -4.90 -13.34 30.79
C GLU A 353 -3.99 -13.06 29.59
N PRO A 354 -4.53 -12.93 28.34
CA PRO A 354 -3.49 -12.67 27.30
C PRO A 354 -2.79 -11.30 27.42
N LEU A 355 -3.45 -10.32 28.01
CA LEU A 355 -2.82 -9.01 28.20
C LEU A 355 -1.58 -9.14 29.10
N MET A 356 -1.70 -9.92 30.19
CA MET A 356 -0.61 -10.24 31.15
C MET A 356 0.51 -11.09 30.58
N ASN A 357 0.18 -12.09 29.74
CA ASN A 357 1.21 -12.90 29.07
C ASN A 357 2.14 -12.07 28.21
N LEU A 358 1.66 -10.92 27.74
CA LEU A 358 2.48 -10.11 26.87
C LEU A 358 3.43 -9.19 27.63
N LEU A 359 3.33 -9.18 28.96
CA LEU A 359 4.27 -8.37 29.77
C LEU A 359 5.67 -9.00 29.85
N SER A 360 5.82 -10.24 29.38
CA SER A 360 7.13 -10.93 29.24
C SER A 360 7.77 -10.67 27.86
N ALA A 361 7.23 -9.72 27.11
CA ALA A 361 7.81 -9.36 25.80
C ALA A 361 9.03 -8.48 26.02
N LYS A 362 10.03 -8.71 25.16
CA LYS A 362 11.22 -7.90 25.18
C LYS A 362 11.05 -6.84 24.10
N ASP A 363 10.26 -5.83 24.42
CA ASP A 363 9.94 -4.72 23.54
C ASP A 363 9.18 -3.74 24.41
N THR A 364 9.76 -2.55 24.52
CA THR A 364 9.37 -1.60 25.54
C THR A 364 8.12 -0.81 25.16
N LYS A 365 7.93 -0.59 23.86
CA LYS A 365 6.71 0.08 23.38
C LYS A 365 5.47 -0.69 23.82
N ILE A 366 5.41 -1.99 23.55
CA ILE A 366 4.23 -2.81 23.91
C ILE A 366 3.95 -2.82 25.41
N ILE A 367 4.99 -2.95 26.22
CA ILE A 367 4.89 -2.90 27.70
C ILE A 367 4.18 -1.59 28.19
N GLN A 368 4.59 -0.43 27.65
CA GLN A 368 3.89 0.83 27.96
C GLN A 368 2.43 0.87 27.55
N VAL A 369 2.13 0.29 26.39
CA VAL A 369 0.76 0.21 25.85
C VAL A 369 -0.13 -0.68 26.76
N ILE A 370 0.46 -1.76 27.25
CA ILE A 370 -0.25 -2.69 28.09
C ILE A 370 -0.47 -2.15 29.49
N LEU A 371 0.54 -1.48 30.07
CA LEU A 371 0.40 -0.85 31.42
C LEU A 371 -0.63 0.24 31.42
N ASP A 372 -0.59 1.04 30.36
CA ASP A 372 -1.65 1.99 29.99
C ASP A 372 -3.05 1.35 29.99
N ALA A 373 -3.21 0.20 29.34
CA ALA A 373 -4.50 -0.51 29.36
C ALA A 373 -4.90 -1.01 30.78
N ILE A 374 -3.98 -1.68 31.49
CA ILE A 374 -4.22 -2.07 32.91
C ILE A 374 -4.80 -0.88 33.74
N SER A 375 -4.06 0.22 33.74
CA SER A 375 -4.47 1.43 34.44
C SER A 375 -5.85 1.92 34.00
N ASN A 376 -6.15 1.94 32.71
CA ASN A 376 -7.54 2.26 32.28
C ASN A 376 -8.60 1.27 32.75
N ILE A 377 -8.21 0.01 32.91
CA ILE A 377 -9.21 -0.99 33.31
C ILE A 377 -9.49 -0.79 34.78
N PHE A 378 -8.42 -0.47 35.52
CA PHE A 378 -8.50 -0.14 36.97
C PHE A 378 -9.31 1.08 37.26
N GLN A 379 -9.15 2.13 36.46
CA GLN A 379 -9.99 3.31 36.60
C GLN A 379 -11.50 3.00 36.52
N ALA A 380 -11.87 2.08 35.62
CA ALA A 380 -13.29 1.66 35.48
C ALA A 380 -13.71 0.73 36.62
N ALA A 381 -12.73 -0.01 37.15
CA ALA A 381 -12.91 -0.74 38.41
C ALA A 381 -13.09 0.25 39.58
N GLU A 382 -12.22 1.27 39.70
CA GLU A 382 -12.45 2.38 40.63
C GLU A 382 -13.89 2.85 40.53
N LYS A 383 -14.30 3.35 39.38
CA LYS A 383 -15.67 3.83 39.19
C LYS A 383 -16.74 2.80 39.57
N LEU A 384 -16.35 1.55 39.79
CA LEU A 384 -17.36 0.49 40.04
C LEU A 384 -17.30 -0.10 41.44
N GLY A 385 -16.25 0.23 42.20
CA GLY A 385 -15.97 -0.41 43.48
C GLY A 385 -15.63 -1.87 43.35
N GLU A 386 -14.95 -2.23 42.25
CA GLU A 386 -14.55 -3.62 41.98
C GLU A 386 -13.06 -3.76 41.80
N THR A 387 -12.27 -2.80 42.30
CA THR A 387 -10.82 -2.96 42.17
C THR A 387 -10.33 -4.19 42.92
N GLU A 388 -11.09 -4.60 43.94
CA GLU A 388 -10.80 -5.81 44.68
C GLU A 388 -10.79 -6.98 43.71
N LYS A 389 -11.94 -7.28 43.09
CA LYS A 389 -12.04 -8.37 42.09
C LYS A 389 -10.88 -8.36 41.08
N LEU A 390 -10.62 -7.18 40.50
CA LEU A 390 -9.67 -7.08 39.42
C LEU A 390 -8.23 -7.47 39.79
N SER A 391 -7.81 -7.13 41.01
CA SER A 391 -6.42 -7.40 41.45
C SER A 391 -6.16 -8.91 41.68
N ILE A 392 -7.21 -9.61 42.09
CA ILE A 392 -7.21 -11.05 42.27
C ILE A 392 -7.05 -11.69 40.90
N MET A 393 -7.90 -11.31 39.94
CA MET A 393 -7.77 -11.78 38.56
C MET A 393 -6.33 -11.69 38.08
N ILE A 394 -5.71 -10.55 38.31
CA ILE A 394 -4.38 -10.27 37.80
C ILE A 394 -3.37 -11.10 38.57
N GLU A 395 -3.53 -11.15 39.89
CA GLU A 395 -2.67 -11.96 40.72
C GLU A 395 -2.85 -13.43 40.35
N GLU A 396 -4.11 -13.85 40.22
CA GLU A 396 -4.48 -15.24 39.86
C GLU A 396 -3.97 -15.82 38.52
N CYS A 397 -3.62 -14.95 37.56
CA CYS A 397 -3.19 -15.42 36.24
C CYS A 397 -1.68 -15.27 36.04
N GLY A 398 -1.02 -14.61 36.98
CA GLY A 398 0.41 -14.39 36.87
C GLY A 398 0.71 -12.93 36.65
N GLY A 399 -0.30 -12.08 36.79
CA GLY A 399 -0.13 -10.67 36.51
C GLY A 399 0.86 -9.98 37.42
N LEU A 400 0.77 -10.30 38.72
CA LEU A 400 1.52 -9.59 39.75
C LEU A 400 3.01 -9.90 39.71
N ASP A 401 3.35 -11.17 39.51
CA ASP A 401 4.75 -11.56 39.34
C ASP A 401 5.36 -10.74 38.20
N LYS A 402 4.59 -10.53 37.14
CA LYS A 402 5.08 -9.72 36.02
C LYS A 402 5.21 -8.23 36.34
N ILE A 403 4.16 -7.60 36.85
CA ILE A 403 4.16 -6.14 37.12
C ILE A 403 5.20 -5.70 38.18
N GLU A 404 5.38 -6.53 39.22
CA GLU A 404 6.47 -6.38 40.22
C GLU A 404 7.78 -6.00 39.51
N ALA A 405 8.23 -6.91 38.64
CA ALA A 405 9.54 -6.82 37.98
C ALA A 405 9.74 -5.48 37.27
N LEU A 406 8.73 -5.06 36.51
CA LEU A 406 8.78 -3.82 35.73
C LEU A 406 8.99 -2.53 36.59
N GLN A 407 8.95 -2.67 37.92
CA GLN A 407 9.53 -1.68 38.84
C GLN A 407 11.04 -1.62 38.60
N ARG A 408 11.68 -2.79 38.57
CA ARG A 408 13.10 -2.91 38.24
C ARG A 408 13.27 -3.01 36.72
N HIS A 409 13.02 -1.90 36.03
CA HIS A 409 13.08 -1.87 34.57
C HIS A 409 13.89 -0.65 34.11
N GLU A 410 14.64 -0.79 33.01
CA GLU A 410 15.55 0.28 32.54
C GLU A 410 14.88 1.39 31.72
N ASN A 411 13.60 1.66 32.01
CA ASN A 411 12.83 2.68 31.30
C ASN A 411 11.90 3.43 32.24
N GLU A 412 12.11 4.74 32.33
CA GLU A 412 11.33 5.65 33.18
C GLU A 412 9.80 5.48 33.08
N SER A 413 9.27 5.46 31.86
CA SER A 413 7.83 5.33 31.61
C SER A 413 7.25 4.00 32.13
N VAL A 414 8.07 2.95 32.07
CA VAL A 414 7.70 1.61 32.54
C VAL A 414 7.64 1.52 34.07
N TYR A 415 8.78 1.77 34.74
CA TYR A 415 8.82 1.61 36.22
C TYR A 415 7.87 2.56 36.99
N LYS A 416 7.62 3.73 36.44
CA LYS A 416 6.66 4.67 37.03
C LYS A 416 5.22 4.15 36.99
N ALA A 417 4.76 3.75 35.81
CA ALA A 417 3.39 3.24 35.67
C ALA A 417 3.13 1.99 36.49
N SER A 418 4.14 1.12 36.64
CA SER A 418 3.99 -0.16 37.36
C SER A 418 4.19 -0.06 38.87
N LEU A 419 5.35 0.46 39.30
CA LEU A 419 5.61 0.72 40.72
C LEU A 419 4.43 1.49 41.33
N ASN A 420 3.73 2.25 40.49
CA ASN A 420 2.47 2.94 40.83
C ASN A 420 1.18 2.05 40.85
N LEU A 421 1.09 1.07 39.95
CA LEU A 421 -0.04 0.11 39.96
C LEU A 421 0.06 -0.77 41.21
N ILE A 422 1.29 -1.20 41.52
CA ILE A 422 1.58 -1.85 42.81
C ILE A 422 1.22 -0.91 43.98
N GLU A 423 1.91 0.22 44.09
CA GLU A 423 1.64 1.14 45.22
C GLU A 423 0.15 1.52 45.36
N LYS A 424 -0.65 1.30 44.33
CA LYS A 424 -2.04 1.67 44.44
C LYS A 424 -3.00 0.49 44.57
N TYR A 425 -2.60 -0.72 44.19
CA TYR A 425 -3.54 -1.84 44.11
C TYR A 425 -3.14 -3.19 44.69
N PHE A 426 -1.85 -3.45 44.91
CA PHE A 426 -1.41 -4.83 45.19
C PHE A 426 -0.84 -5.31 46.57
N SER A 427 -0.65 -4.43 47.56
CA SER A 427 -1.12 -3.06 47.65
C SER A 427 -0.43 -2.57 48.90
N PRO B 7 3.18 -3.66 -4.66
CA PRO B 7 3.16 -3.86 -6.10
C PRO B 7 4.39 -3.28 -6.80
N PHE B 8 5.43 -4.11 -6.99
CA PHE B 8 6.65 -3.73 -7.73
C PHE B 8 6.45 -2.35 -8.41
N LYS B 9 7.10 -1.29 -7.87
CA LYS B 9 7.17 0.11 -8.46
C LYS B 9 7.58 0.18 -9.95
N LYS B 10 8.33 -0.81 -10.38
CA LYS B 10 8.94 -0.85 -11.72
C LYS B 10 8.80 -2.28 -12.17
N LYS B 11 8.53 -2.48 -13.47
CA LYS B 11 8.26 -3.80 -14.05
C LYS B 11 9.09 -3.89 -15.34
N ARG B 12 9.94 -4.87 -15.40
CA ARG B 12 10.57 -5.19 -16.65
C ARG B 12 9.55 -5.88 -17.63
N ARG B 13 9.75 -5.66 -18.94
CA ARG B 13 9.08 -6.49 -19.94
C ARG B 13 9.95 -7.69 -20.38
N GLU B 14 9.68 -8.86 -19.82
CA GLU B 14 10.61 -10.00 -19.94
C GLU B 14 10.19 -11.08 -21.01
N ALA B 15 11.17 -11.88 -21.46
CA ALA B 15 11.05 -13.06 -22.36
C ALA B 15 10.35 -12.83 -23.71
N LYS C 10 -5.37 10.00 18.80
CA LYS C 10 -5.45 8.53 19.11
C LYS C 10 -5.21 7.66 17.87
N LYS C 11 -5.61 8.15 16.69
CA LYS C 11 -5.47 7.43 15.40
C LYS C 11 -4.00 7.29 14.99
N ARG C 12 -3.62 6.17 14.36
CA ARG C 12 -2.24 5.95 13.90
C ARG C 12 -2.11 5.63 12.41
N ARG C 13 -1.39 6.51 11.69
CA ARG C 13 -1.18 6.44 10.26
C ARG C 13 -0.21 5.36 9.90
N GLU C 14 -0.30 4.87 8.66
CA GLU C 14 0.57 3.79 8.18
C GLU C 14 2.05 4.22 8.05
N ALA C 15 2.95 3.30 8.40
CA ALA C 15 4.40 3.44 8.19
C ALA C 15 4.71 3.49 6.70
#